data_4ULL
#
_entry.id   4ULL
#
_cell.length_a   1.000
_cell.length_b   1.000
_cell.length_c   1.000
_cell.angle_alpha   90.00
_cell.angle_beta   90.00
_cell.angle_gamma   90.00
#
_symmetry.space_group_name_H-M   'P 1'
#
_entity_poly.entity_id   1
_entity_poly.type   'polypeptide(L)'
_entity_poly.pdbx_seq_one_letter_code
;TPDCVTGKVEYTKYNDDDTFTVKVGDKELFTNRWNLQSLLLSAQITGMTVTIKTNACHNGGGFSEVIFR
;
_entity_poly.pdbx_strand_id   A
#
# COMPACT_ATOMS: atom_id res chain seq x y z
N THR A 1 -8.18 30.07 -7.56
CA THR A 1 -8.76 28.97 -8.39
C THR A 1 -10.07 28.47 -7.74
N PRO A 2 -10.82 27.68 -8.48
CA PRO A 2 -12.09 27.10 -7.99
C PRO A 2 -11.81 25.91 -7.06
N ASP A 3 -11.05 26.13 -6.01
CA ASP A 3 -10.73 25.02 -5.07
C ASP A 3 -11.83 24.93 -3.98
N CYS A 4 -11.50 24.55 -2.76
CA CYS A 4 -12.56 24.44 -1.71
C CYS A 4 -11.99 24.19 -0.29
N VAL A 5 -11.76 22.94 0.07
CA VAL A 5 -11.26 22.65 1.46
C VAL A 5 -10.12 21.62 1.47
N THR A 6 -9.86 21.03 2.61
CA THR A 6 -8.79 20.01 2.73
C THR A 6 -9.38 18.60 2.67
N GLY A 7 -8.58 17.58 2.81
CA GLY A 7 -9.11 16.19 2.72
C GLY A 7 -8.46 15.22 3.71
N LYS A 8 -8.69 15.41 4.98
CA LYS A 8 -8.15 14.45 6.01
C LYS A 8 -9.01 13.18 5.88
N VAL A 9 -9.29 12.45 6.94
CA VAL A 9 -10.14 11.22 6.79
C VAL A 9 -10.80 10.82 8.12
N GLU A 10 -11.70 11.59 8.64
CA GLU A 10 -12.30 11.13 9.92
C GLU A 10 -13.68 10.54 9.67
N TYR A 11 -13.73 9.48 8.87
CA TYR A 11 -15.04 8.76 8.54
C TYR A 11 -15.30 8.71 7.02
N THR A 12 -15.08 7.57 6.39
CA THR A 12 -15.33 7.45 4.91
C THR A 12 -16.42 6.38 4.68
N LYS A 13 -17.65 6.78 4.61
CA LYS A 13 -18.77 5.80 4.40
C LYS A 13 -18.76 5.22 2.97
N TYR A 14 -18.12 4.09 2.78
CA TYR A 14 -18.09 3.45 1.43
C TYR A 14 -19.37 2.61 1.21
N ASN A 15 -19.80 2.54 -0.01
CA ASN A 15 -21.00 1.73 -0.37
C ASN A 15 -21.07 1.54 -1.89
N ASP A 16 -20.76 2.58 -2.65
CA ASP A 16 -20.79 2.51 -4.14
C ASP A 16 -19.81 1.44 -4.65
N ASP A 17 -18.54 1.69 -4.43
CA ASP A 17 -17.44 0.76 -4.86
C ASP A 17 -16.11 1.50 -4.62
N ASP A 18 -16.11 2.77 -4.94
CA ASP A 18 -14.93 3.65 -4.71
C ASP A 18 -15.44 5.07 -4.35
N THR A 19 -16.54 5.50 -4.96
CA THR A 19 -17.12 6.85 -4.67
C THR A 19 -17.24 7.04 -3.15
N PHE A 20 -18.25 6.45 -2.54
CA PHE A 20 -18.43 6.54 -1.07
C PHE A 20 -18.84 7.95 -0.65
N THR A 21 -19.09 8.10 0.62
CA THR A 21 -19.42 9.43 1.20
C THR A 21 -18.35 9.73 2.25
N VAL A 22 -17.48 10.61 1.91
CA VAL A 22 -16.33 10.97 2.77
C VAL A 22 -16.65 12.10 3.76
N LYS A 23 -16.38 11.85 5.01
CA LYS A 23 -16.57 12.87 6.09
C LYS A 23 -15.16 13.27 6.54
N VAL A 24 -14.48 14.00 5.72
CA VAL A 24 -13.07 14.35 6.05
C VAL A 24 -12.74 15.77 5.60
N GLY A 25 -11.47 16.13 5.67
CA GLY A 25 -11.06 17.51 5.27
C GLY A 25 -11.78 18.50 6.16
N ASP A 26 -12.83 19.09 5.66
CA ASP A 26 -13.60 20.04 6.47
C ASP A 26 -15.10 19.82 6.22
N LYS A 27 -15.46 18.73 5.57
CA LYS A 27 -16.91 18.47 5.26
C LYS A 27 -17.17 16.97 5.07
N GLU A 28 -18.41 16.63 4.75
CA GLU A 28 -18.79 15.21 4.53
C GLU A 28 -19.74 15.15 3.33
N LEU A 29 -19.46 14.31 2.35
CA LEU A 29 -20.37 14.23 1.17
C LEU A 29 -19.95 13.11 0.19
N PHE A 30 -20.79 12.82 -0.78
CA PHE A 30 -20.49 11.75 -1.78
C PHE A 30 -19.35 12.23 -2.68
N THR A 31 -18.62 11.31 -3.24
CA THR A 31 -17.43 11.71 -4.07
C THR A 31 -17.21 10.71 -5.22
N ASN A 32 -17.23 11.18 -6.45
CA ASN A 32 -17.00 10.25 -7.60
C ASN A 32 -16.11 10.89 -8.68
N ARG A 33 -15.19 10.12 -9.21
CA ARG A 33 -14.27 10.63 -10.29
C ARG A 33 -13.65 9.45 -11.03
N TRP A 34 -13.01 8.55 -10.31
CA TRP A 34 -12.37 7.35 -10.96
C TRP A 34 -11.63 6.47 -9.93
N ASN A 35 -11.18 7.02 -8.83
CA ASN A 35 -10.46 6.22 -7.78
C ASN A 35 -10.04 7.14 -6.62
N LEU A 36 -10.99 7.63 -5.87
CA LEU A 36 -10.65 8.53 -4.72
C LEU A 36 -10.17 7.71 -3.52
N GLN A 37 -10.46 6.42 -3.49
CA GLN A 37 -10.00 5.56 -2.36
C GLN A 37 -8.50 5.70 -2.16
N SER A 38 -7.75 5.58 -3.24
CA SER A 38 -6.26 5.71 -3.17
C SER A 38 -5.87 7.04 -2.51
N LEU A 39 -6.61 8.10 -2.80
CA LEU A 39 -6.30 9.43 -2.19
C LEU A 39 -6.67 9.41 -0.70
N LEU A 40 -7.81 8.88 -0.34
CA LEU A 40 -8.20 8.83 1.10
C LEU A 40 -7.21 7.94 1.85
N LEU A 41 -6.80 6.85 1.24
CA LEU A 41 -5.84 5.91 1.88
C LEU A 41 -4.44 6.56 1.94
N SER A 42 -3.83 6.80 0.81
CA SER A 42 -2.46 7.43 0.80
C SER A 42 -2.42 8.64 1.74
N ALA A 43 -3.50 9.39 1.82
CA ALA A 43 -3.54 10.57 2.72
C ALA A 43 -3.33 10.12 4.18
N GLN A 44 -4.27 9.41 4.74
CA GLN A 44 -4.15 8.94 6.15
C GLN A 44 -2.90 8.09 6.33
N ILE A 45 -2.56 7.32 5.33
CA ILE A 45 -1.34 6.47 5.43
C ILE A 45 -0.10 7.36 5.60
N THR A 46 0.07 8.29 4.70
CA THR A 46 1.24 9.22 4.77
C THR A 46 0.96 10.31 5.82
N GLY A 47 -0.26 10.75 5.90
CA GLY A 47 -0.65 11.81 6.88
C GLY A 47 -2.14 11.73 7.12
N MET A 48 -2.90 12.54 6.41
CA MET A 48 -4.42 12.56 6.52
C MET A 48 -4.94 13.99 6.41
N THR A 49 -4.69 14.67 5.31
CA THR A 49 -5.22 16.06 5.17
C THR A 49 -4.86 16.61 3.79
N VAL A 50 -5.45 16.03 2.77
CA VAL A 50 -5.19 16.46 1.36
C VAL A 50 -5.96 17.75 1.07
N THR A 51 -6.34 17.98 -0.15
CA THR A 51 -7.12 19.20 -0.47
C THR A 51 -8.33 18.81 -1.32
N ILE A 52 -9.53 18.96 -0.78
CA ILE A 52 -10.77 18.59 -1.55
C ILE A 52 -11.37 19.84 -2.20
N LYS A 53 -11.67 19.78 -3.49
CA LYS A 53 -12.22 21.00 -4.17
C LYS A 53 -12.91 20.70 -5.50
N THR A 54 -13.47 21.73 -6.10
CA THR A 54 -14.15 21.64 -7.44
C THR A 54 -15.45 20.82 -7.37
N ASN A 55 -16.28 20.99 -8.37
CA ASN A 55 -17.59 20.25 -8.44
C ASN A 55 -18.44 20.55 -7.19
N ALA A 56 -18.68 21.81 -6.90
CA ALA A 56 -19.52 22.19 -5.72
C ALA A 56 -18.75 22.00 -4.41
N CYS A 57 -18.27 20.81 -4.15
CA CYS A 57 -17.53 20.52 -2.88
C CYS A 57 -18.52 20.54 -1.69
N HIS A 58 -19.78 20.26 -1.95
CA HIS A 58 -20.81 20.24 -0.86
C HIS A 58 -21.97 19.33 -1.30
N ASN A 59 -22.21 18.25 -0.58
CA ASN A 59 -23.31 17.30 -0.98
C ASN A 59 -23.04 16.80 -2.41
N GLY A 60 -22.19 15.81 -2.55
CA GLY A 60 -21.82 15.31 -3.91
C GLY A 60 -20.91 16.34 -4.56
N GLY A 61 -19.71 16.50 -4.03
CA GLY A 61 -18.77 17.52 -4.58
C GLY A 61 -17.35 16.96 -4.70
N GLY A 62 -16.41 17.79 -5.07
CA GLY A 62 -14.99 17.32 -5.22
C GLY A 62 -14.91 16.32 -6.38
N PHE A 63 -14.63 16.79 -7.57
CA PHE A 63 -14.58 15.86 -8.74
C PHE A 63 -13.14 15.44 -9.07
N SER A 64 -12.39 16.25 -9.81
CA SER A 64 -11.00 15.82 -10.18
C SER A 64 -9.93 16.83 -9.72
N GLU A 65 -10.06 17.41 -8.55
CA GLU A 65 -9.00 18.35 -8.09
C GLU A 65 -8.74 18.10 -6.60
N VAL A 66 -7.66 17.43 -6.29
CA VAL A 66 -7.34 17.14 -4.85
C VAL A 66 -5.83 17.16 -4.63
N ILE A 67 -5.38 17.79 -3.57
CA ILE A 67 -3.90 17.83 -3.32
C ILE A 67 -3.52 16.85 -2.20
N PHE A 68 -2.65 15.93 -2.49
CA PHE A 68 -2.25 14.91 -1.47
C PHE A 68 -1.43 15.51 -0.33
N ARG A 69 -1.63 14.93 0.84
CA ARG A 69 -0.93 15.32 2.12
C ARG A 69 -1.84 14.98 3.34
N THR A 1 25.31 13.94 -13.85
CA THR A 1 24.19 13.53 -14.75
C THR A 1 23.15 14.65 -14.83
N PRO A 2 22.23 14.52 -15.77
CA PRO A 2 21.16 15.51 -15.98
C PRO A 2 20.06 15.33 -14.92
N ASP A 3 20.41 15.40 -13.66
CA ASP A 3 19.40 15.22 -12.58
C ASP A 3 18.76 16.59 -12.23
N CYS A 4 18.38 16.82 -10.98
CA CYS A 4 17.75 18.14 -10.65
C CYS A 4 17.55 18.34 -9.13
N VAL A 5 16.46 17.88 -8.56
CA VAL A 5 16.20 18.12 -7.11
C VAL A 5 15.71 16.84 -6.40
N THR A 6 15.12 17.02 -5.23
CA THR A 6 14.58 15.87 -4.44
C THR A 6 13.08 15.75 -4.67
N GLY A 7 12.42 14.83 -4.01
CA GLY A 7 10.96 14.67 -4.23
C GLY A 7 10.19 14.29 -2.96
N LYS A 8 10.12 15.20 -2.01
CA LYS A 8 9.32 14.94 -0.77
C LYS A 8 7.84 15.03 -1.19
N VAL A 9 6.94 15.51 -0.36
CA VAL A 9 5.50 15.60 -0.81
C VAL A 9 4.72 16.63 0.00
N GLU A 10 5.01 17.89 -0.11
CA GLU A 10 4.21 18.83 0.71
C GLU A 10 3.15 19.52 -0.17
N TYR A 11 2.29 18.71 -0.79
CA TYR A 11 1.16 19.26 -1.67
C TYR A 11 1.21 18.64 -3.09
N THR A 12 0.32 17.71 -3.37
CA THR A 12 0.30 17.07 -4.74
C THR A 12 -1.07 17.35 -5.40
N LYS A 13 -1.17 18.41 -6.15
CA LYS A 13 -2.47 18.77 -6.81
C LYS A 13 -2.81 17.79 -7.94
N TYR A 14 -3.59 16.77 -7.65
CA TYR A 14 -3.97 15.79 -8.71
C TYR A 14 -5.20 16.32 -9.48
N ASN A 15 -5.28 15.97 -10.73
CA ASN A 15 -6.43 16.38 -11.58
C ASN A 15 -6.43 15.56 -12.89
N ASP A 16 -5.27 15.34 -13.46
CA ASP A 16 -5.17 14.56 -14.73
C ASP A 16 -5.70 13.13 -14.53
N ASP A 17 -5.02 12.38 -13.70
CA ASP A 17 -5.39 10.96 -13.39
C ASP A 17 -4.24 10.36 -12.57
N ASP A 18 -3.04 10.71 -12.97
CA ASP A 18 -1.80 10.27 -12.25
C ASP A 18 -0.76 11.40 -12.36
N THR A 19 -0.70 12.07 -13.50
CA THR A 19 0.28 13.20 -13.70
C THR A 19 0.20 14.16 -12.50
N PHE A 20 -0.80 14.99 -12.45
CA PHE A 20 -0.97 15.95 -11.31
C PHE A 20 0.11 17.03 -11.32
N THR A 21 -0.01 17.94 -10.39
CA THR A 21 1.01 19.01 -10.23
C THR A 21 1.56 18.87 -8.82
N VAL A 22 2.75 18.39 -8.73
CA VAL A 22 3.40 18.09 -7.43
C VAL A 22 4.20 19.29 -6.89
N LYS A 23 3.90 19.66 -5.67
CA LYS A 23 4.63 20.76 -4.96
C LYS A 23 5.47 20.08 -3.90
N VAL A 24 6.52 19.41 -4.30
CA VAL A 24 7.33 18.65 -3.31
C VAL A 24 8.82 18.72 -3.66
N GLY A 25 9.62 17.95 -2.97
CA GLY A 25 11.09 17.95 -3.25
C GLY A 25 11.61 19.35 -2.98
N ASP A 26 11.82 20.10 -4.02
CA ASP A 26 12.29 21.50 -3.85
C ASP A 26 11.54 22.42 -4.82
N LYS A 27 10.49 21.93 -5.45
CA LYS A 27 9.73 22.76 -6.43
C LYS A 27 8.27 22.27 -6.58
N GLU A 28 7.54 22.92 -7.46
CA GLU A 28 6.12 22.53 -7.70
C GLU A 28 5.85 22.60 -9.21
N LEU A 29 5.31 21.54 -9.79
CA LEU A 29 5.05 21.57 -11.26
C LEU A 29 4.31 20.30 -11.75
N PHE A 30 3.83 20.33 -12.97
CA PHE A 30 3.10 19.17 -13.54
C PHE A 30 4.08 18.02 -13.76
N THR A 31 3.60 16.80 -13.75
CA THR A 31 4.52 15.63 -13.88
C THR A 31 3.84 14.47 -14.62
N ASN A 32 4.40 14.02 -15.71
CA ASN A 32 3.78 12.89 -16.47
C ASN A 32 4.85 11.90 -16.97
N ARG A 33 4.57 10.62 -16.86
CA ARG A 33 5.52 9.57 -17.33
C ARG A 33 4.76 8.24 -17.49
N TRP A 34 4.10 7.78 -16.45
CA TRP A 34 3.33 6.49 -16.54
C TRP A 34 2.67 6.13 -15.18
N ASN A 35 3.21 6.58 -14.07
CA ASN A 35 2.62 6.27 -12.74
C ASN A 35 3.49 6.91 -11.63
N LEU A 36 3.50 8.21 -11.55
CA LEU A 36 4.30 8.90 -10.50
C LEU A 36 3.58 8.84 -9.14
N GLN A 37 2.29 8.59 -9.15
CA GLN A 37 1.53 8.49 -7.86
C GLN A 37 2.22 7.51 -6.92
N SER A 38 2.53 6.33 -7.42
CA SER A 38 3.22 5.29 -6.59
C SER A 38 4.50 5.86 -5.97
N LEU A 39 5.20 6.70 -6.70
CA LEU A 39 6.46 7.30 -6.16
C LEU A 39 6.12 8.34 -5.10
N LEU A 40 5.16 9.19 -5.35
CA LEU A 40 4.77 10.22 -4.33
C LEU A 40 4.24 9.52 -3.08
N LEU A 41 3.47 8.47 -3.27
CA LEU A 41 2.90 7.71 -2.12
C LEU A 41 4.01 6.94 -1.39
N SER A 42 4.61 5.96 -2.05
CA SER A 42 5.71 5.17 -1.41
C SER A 42 6.72 6.10 -0.72
N ALA A 43 6.97 7.25 -1.31
CA ALA A 43 7.93 8.21 -0.69
C ALA A 43 7.42 8.64 0.69
N GLN A 44 6.34 9.38 0.74
CA GLN A 44 5.78 9.85 2.04
C GLN A 44 5.45 8.65 2.94
N ILE A 45 5.00 7.57 2.36
CA ILE A 45 4.67 6.37 3.19
C ILE A 45 5.94 5.87 3.88
N THR A 46 6.97 5.63 3.12
CA THR A 46 8.26 5.13 3.69
C THR A 46 9.02 6.31 4.31
N GLY A 47 8.94 7.45 3.68
CA GLY A 47 9.64 8.67 4.21
C GLY A 47 8.97 9.90 3.62
N MET A 48 9.52 10.42 2.54
CA MET A 48 8.95 11.63 1.83
C MET A 48 10.08 12.53 1.32
N THR A 49 10.92 12.03 0.46
CA THR A 49 12.02 12.89 -0.09
C THR A 49 12.83 12.10 -1.12
N VAL A 50 12.20 11.79 -2.23
CA VAL A 50 12.88 11.02 -3.32
C VAL A 50 13.80 11.98 -4.11
N THR A 51 14.03 11.71 -5.37
CA THR A 51 14.88 12.61 -6.18
C THR A 51 14.15 12.94 -7.49
N ILE A 52 13.78 14.18 -7.69
CA ILE A 52 13.05 14.58 -8.95
C ILE A 52 14.05 15.18 -9.95
N LYS A 53 14.05 14.70 -11.18
CA LYS A 53 15.04 15.24 -12.17
C LYS A 53 14.65 14.96 -13.63
N THR A 54 15.48 15.46 -14.54
CA THR A 54 15.28 15.24 -16.02
C THR A 54 14.03 15.95 -16.56
N ASN A 55 13.98 16.12 -17.85
CA ASN A 55 12.82 16.79 -18.52
C ASN A 55 12.61 18.21 -17.95
N ALA A 56 13.65 19.02 -17.97
CA ALA A 56 13.53 20.43 -17.45
C ALA A 56 13.48 20.47 -15.92
N CYS A 57 12.53 19.77 -15.33
CA CYS A 57 12.39 19.76 -13.83
C CYS A 57 11.88 21.13 -13.36
N HIS A 58 11.18 21.86 -14.21
CA HIS A 58 10.64 23.19 -13.84
C HIS A 58 9.42 23.49 -14.72
N ASN A 59 8.24 23.62 -14.13
CA ASN A 59 7.00 23.88 -14.94
C ASN A 59 6.83 22.74 -15.95
N GLY A 60 6.27 21.63 -15.52
CA GLY A 60 6.12 20.45 -16.43
C GLY A 60 7.50 19.82 -16.60
N GLY A 61 8.03 19.26 -15.53
CA GLY A 61 9.40 18.64 -15.60
C GLY A 61 9.43 17.29 -14.91
N GLY A 62 10.60 16.70 -14.79
CA GLY A 62 10.73 15.36 -14.12
C GLY A 62 10.00 14.31 -14.97
N PHE A 63 10.69 13.66 -15.88
CA PHE A 63 10.00 12.66 -16.74
C PHE A 63 10.21 11.22 -16.22
N SER A 64 11.32 10.59 -16.51
CA SER A 64 11.52 9.18 -16.05
C SER A 64 12.78 8.99 -15.20
N GLU A 65 13.13 9.92 -14.34
CA GLU A 65 14.33 9.72 -13.49
C GLU A 65 14.03 10.20 -12.07
N VAL A 66 13.75 9.28 -11.17
CA VAL A 66 13.43 9.68 -9.77
C VAL A 66 14.01 8.66 -8.79
N ILE A 67 14.62 9.12 -7.72
CA ILE A 67 15.22 8.16 -6.74
C ILE A 67 14.33 8.07 -5.49
N PHE A 68 13.84 6.90 -5.18
CA PHE A 68 12.94 6.72 -4.00
C PHE A 68 13.66 6.94 -2.67
N ARG A 69 12.91 7.49 -1.72
CA ARG A 69 13.38 7.78 -0.32
C ARG A 69 12.56 8.97 0.27
N THR A 1 24.22 -20.94 0.30
CA THR A 1 23.53 -20.74 -1.03
C THR A 1 24.19 -19.57 -1.77
N PRO A 2 23.83 -19.43 -3.04
CA PRO A 2 24.37 -18.34 -3.89
C PRO A 2 23.64 -17.01 -3.56
N ASP A 3 23.68 -16.59 -2.31
CA ASP A 3 22.98 -15.33 -1.92
C ASP A 3 23.94 -14.13 -2.11
N CYS A 4 23.85 -13.10 -1.29
CA CYS A 4 24.77 -11.93 -1.49
C CYS A 4 24.68 -10.91 -0.33
N VAL A 5 23.76 -9.97 -0.39
CA VAL A 5 23.69 -8.91 0.69
C VAL A 5 22.25 -8.65 1.15
N THR A 6 22.03 -7.53 1.81
CA THR A 6 20.68 -7.16 2.31
C THR A 6 20.02 -6.19 1.33
N GLY A 7 18.83 -5.71 1.62
CA GLY A 7 18.16 -4.77 0.67
C GLY A 7 17.36 -3.68 1.38
N LYS A 8 18.04 -2.78 2.04
CA LYS A 8 17.34 -1.62 2.68
C LYS A 8 16.91 -0.69 1.54
N VAL A 9 16.90 0.62 1.70
CA VAL A 9 16.49 1.50 0.55
C VAL A 9 17.04 2.93 0.71
N GLU A 10 18.31 3.15 0.65
CA GLU A 10 18.76 4.54 0.81
C GLU A 10 19.09 5.15 -0.55
N TYR A 11 18.10 5.18 -1.46
CA TYR A 11 18.30 5.78 -2.85
C TYR A 11 17.91 4.75 -3.95
N THR A 12 16.76 4.91 -4.56
CA THR A 12 16.34 3.96 -5.66
C THR A 12 16.16 4.75 -6.97
N LYS A 13 17.20 4.85 -7.76
CA LYS A 13 17.11 5.63 -9.04
C LYS A 13 16.22 4.91 -10.08
N TYR A 14 14.95 5.25 -10.13
CA TYR A 14 14.05 4.60 -11.14
C TYR A 14 14.15 5.33 -12.48
N ASN A 15 13.98 4.60 -13.54
CA ASN A 15 14.02 5.18 -14.92
C ASN A 15 13.44 4.18 -15.93
N ASP A 16 13.74 2.91 -15.77
CA ASP A 16 13.23 1.86 -16.70
C ASP A 16 11.69 1.83 -16.66
N ASP A 17 11.16 1.45 -15.53
CA ASP A 17 9.68 1.33 -15.31
C ASP A 17 9.47 0.66 -13.94
N ASP A 18 10.30 -0.33 -13.68
CA ASP A 18 10.28 -1.06 -12.38
C ASP A 18 11.73 -1.47 -12.03
N THR A 19 12.52 -1.85 -13.03
CA THR A 19 13.94 -2.25 -12.80
C THR A 19 14.64 -1.19 -11.92
N PHE A 20 15.01 -0.08 -12.52
CA PHE A 20 15.67 1.03 -11.74
C PHE A 20 17.08 0.62 -11.29
N THR A 21 17.75 1.55 -10.67
CA THR A 21 19.10 1.29 -10.10
C THR A 21 18.99 1.56 -8.61
N VAL A 22 19.00 0.51 -7.85
CA VAL A 22 18.81 0.59 -6.38
C VAL A 22 20.15 0.74 -5.63
N LYS A 23 20.22 1.76 -4.80
CA LYS A 23 21.41 2.00 -3.94
C LYS A 23 20.98 1.65 -2.52
N VAL A 24 20.82 0.39 -2.24
CA VAL A 24 20.31 0.00 -0.89
C VAL A 24 20.99 -1.28 -0.40
N GLY A 25 20.49 -1.82 0.68
CA GLY A 25 21.11 -3.07 1.24
C GLY A 25 22.54 -2.78 1.59
N ASP A 26 23.43 -3.19 0.74
CA ASP A 26 24.87 -2.92 0.99
C ASP A 26 25.55 -2.51 -0.31
N LYS A 27 24.78 -2.23 -1.35
CA LYS A 27 25.38 -1.85 -2.67
C LYS A 27 24.40 -1.01 -3.51
N GLU A 28 24.82 -0.67 -4.70
CA GLU A 28 23.95 0.12 -5.62
C GLU A 28 24.10 -0.44 -7.04
N LEU A 29 23.00 -0.75 -7.71
CA LEU A 29 23.12 -1.31 -9.10
C LEU A 29 21.75 -1.50 -9.76
N PHE A 30 21.74 -1.78 -11.05
CA PHE A 30 20.47 -1.97 -11.80
C PHE A 30 19.82 -3.28 -11.33
N THR A 31 18.53 -3.36 -11.45
CA THR A 31 17.82 -4.60 -10.94
C THR A 31 16.59 -4.92 -11.80
N ASN A 32 16.53 -6.10 -12.37
CA ASN A 32 15.35 -6.47 -13.22
C ASN A 32 14.93 -7.92 -12.98
N ARG A 33 13.64 -8.16 -12.90
CA ARG A 33 13.10 -9.55 -12.69
C ARG A 33 11.61 -9.57 -13.09
N TRP A 34 10.81 -8.70 -12.52
CA TRP A 34 9.35 -8.67 -12.87
C TRP A 34 8.59 -7.59 -12.03
N ASN A 35 9.07 -7.25 -10.86
CA ASN A 35 8.38 -6.22 -10.01
C ASN A 35 9.16 -6.05 -8.70
N LEU A 36 10.34 -5.49 -8.76
CA LEU A 36 11.16 -5.28 -7.52
C LEU A 36 10.65 -4.05 -6.75
N GLN A 37 9.92 -3.17 -7.41
CA GLN A 37 9.38 -1.95 -6.73
C GLN A 37 8.61 -2.37 -5.46
N SER A 38 7.72 -3.33 -5.61
CA SER A 38 6.92 -3.81 -4.44
C SER A 38 7.86 -4.24 -3.29
N LEU A 39 8.99 -4.85 -3.62
CA LEU A 39 9.95 -5.28 -2.56
C LEU A 39 10.64 -4.06 -1.96
N LEU A 40 11.07 -3.13 -2.77
CA LEU A 40 11.74 -1.90 -2.24
C LEU A 40 10.73 -1.11 -1.38
N LEU A 41 9.51 -1.05 -1.84
CA LEU A 41 8.44 -0.31 -1.08
C LEU A 41 8.07 -1.07 0.19
N SER A 42 7.50 -2.24 0.05
CA SER A 42 7.11 -3.06 1.26
C SER A 42 8.26 -3.08 2.28
N ALA A 43 9.49 -3.14 1.80
CA ALA A 43 10.66 -3.16 2.72
C ALA A 43 10.67 -1.88 3.57
N GLN A 44 10.92 -0.75 2.96
CA GLN A 44 10.96 0.54 3.71
C GLN A 44 9.64 0.79 4.42
N ILE A 45 8.54 0.41 3.81
CA ILE A 45 7.21 0.61 4.46
C ILE A 45 7.15 -0.18 5.77
N THR A 46 7.42 -1.46 5.70
CA THR A 46 7.40 -2.33 6.91
C THR A 46 8.69 -2.11 7.71
N GLY A 47 9.78 -1.94 7.03
CA GLY A 47 11.09 -1.71 7.70
C GLY A 47 12.04 -1.02 6.73
N MET A 48 12.86 -1.80 6.07
CA MET A 48 13.84 -1.27 5.04
C MET A 48 15.17 -2.03 5.11
N THR A 49 15.15 -3.32 4.88
CA THR A 49 16.42 -4.11 4.91
C THR A 49 16.14 -5.58 4.56
N VAL A 50 15.76 -5.80 3.33
CA VAL A 50 15.46 -7.19 2.85
C VAL A 50 16.79 -7.92 2.56
N THR A 51 16.78 -8.85 1.65
CA THR A 51 18.03 -9.57 1.31
C THR A 51 18.22 -9.58 -0.21
N ILE A 52 19.24 -8.90 -0.70
CA ILE A 52 19.48 -8.86 -2.19
C ILE A 52 20.55 -9.91 -2.56
N LYS A 53 20.27 -10.75 -3.54
CA LYS A 53 21.27 -11.80 -3.90
C LYS A 53 21.05 -12.40 -5.31
N THR A 54 21.94 -13.29 -5.68
CA THR A 54 21.85 -14.02 -7.01
C THR A 54 22.08 -13.07 -8.20
N ASN A 55 22.40 -13.65 -9.34
CA ASN A 55 22.64 -12.86 -10.58
C ASN A 55 23.79 -11.85 -10.36
N ALA A 56 24.94 -12.32 -9.90
CA ALA A 56 26.11 -11.40 -9.69
C ALA A 56 25.92 -10.55 -8.43
N CYS A 57 24.85 -9.81 -8.36
CA CYS A 57 24.60 -8.91 -7.17
C CYS A 57 25.60 -7.74 -7.18
N HIS A 58 26.10 -7.38 -8.35
CA HIS A 58 27.06 -6.25 -8.47
C HIS A 58 26.98 -5.67 -9.89
N ASN A 59 26.58 -4.43 -10.03
CA ASN A 59 26.45 -3.81 -11.39
C ASN A 59 25.46 -4.66 -12.21
N GLY A 60 24.18 -4.44 -12.03
CA GLY A 60 23.15 -5.26 -12.75
C GLY A 60 23.14 -6.64 -12.10
N GLY A 61 22.68 -6.71 -10.87
CA GLY A 61 22.66 -8.02 -10.14
C GLY A 61 21.34 -8.21 -9.39
N GLY A 62 21.23 -9.27 -8.61
CA GLY A 62 19.98 -9.53 -7.84
C GLY A 62 18.84 -9.82 -8.82
N PHE A 63 18.63 -11.07 -9.15
CA PHE A 63 17.55 -11.40 -10.13
C PHE A 63 16.25 -11.84 -9.42
N SER A 64 16.14 -13.10 -9.04
CA SER A 64 14.86 -13.57 -8.41
C SER A 64 15.07 -14.14 -7.00
N GLU A 65 15.95 -13.58 -6.20
CA GLU A 65 16.12 -14.12 -4.83
C GLU A 65 16.26 -12.95 -3.85
N VAL A 66 15.21 -12.65 -3.12
CA VAL A 66 15.27 -11.51 -2.16
C VAL A 66 14.43 -11.83 -0.92
N ILE A 67 14.94 -11.56 0.25
CA ILE A 67 14.15 -11.86 1.50
C ILE A 67 13.58 -10.57 2.08
N PHE A 68 12.27 -10.50 2.22
CA PHE A 68 11.62 -9.27 2.75
C PHE A 68 11.92 -9.02 4.23
N ARG A 69 12.02 -7.75 4.57
CA ARG A 69 12.29 -7.25 5.97
C ARG A 69 12.98 -5.85 5.90
N THR A 1 -9.86 -26.38 15.24
CA THR A 1 -9.76 -26.47 13.74
C THR A 1 -8.34 -26.89 13.34
N PRO A 2 -8.17 -27.22 12.09
CA PRO A 2 -6.86 -27.63 11.53
C PRO A 2 -5.98 -26.40 11.28
N ASP A 3 -5.74 -25.61 12.30
CA ASP A 3 -4.90 -24.38 12.13
C ASP A 3 -3.40 -24.74 12.34
N CYS A 4 -2.60 -23.84 12.88
CA CYS A 4 -1.15 -24.17 13.08
C CYS A 4 -0.40 -23.11 13.89
N VAL A 5 0.12 -22.07 13.26
CA VAL A 5 0.92 -21.05 14.01
C VAL A 5 0.53 -19.61 13.61
N THR A 6 1.40 -18.65 13.94
CA THR A 6 1.15 -17.23 13.60
C THR A 6 1.90 -16.87 12.32
N GLY A 7 1.85 -15.62 11.90
CA GLY A 7 2.55 -15.24 10.64
C GLY A 7 3.15 -13.83 10.70
N LYS A 8 4.16 -13.64 11.52
CA LYS A 8 4.87 -12.33 11.58
C LYS A 8 5.69 -12.24 10.27
N VAL A 9 6.86 -11.64 10.26
CA VAL A 9 7.66 -11.58 8.98
C VAL A 9 9.14 -11.35 9.25
N GLU A 10 9.85 -12.25 9.84
CA GLU A 10 11.27 -11.97 10.07
C GLU A 10 12.12 -12.69 9.03
N TYR A 11 11.89 -12.40 7.74
CA TYR A 11 12.68 -13.05 6.61
C TYR A 11 11.73 -13.74 5.60
N THR A 12 11.51 -13.12 4.45
CA THR A 12 10.61 -13.76 3.41
C THR A 12 11.43 -13.99 2.12
N LYS A 13 12.02 -15.14 1.98
CA LYS A 13 12.85 -15.44 0.77
C LYS A 13 11.98 -15.59 -0.48
N TYR A 14 11.81 -14.52 -1.24
CA TYR A 14 11.00 -14.62 -2.49
C TYR A 14 11.88 -15.12 -3.65
N ASN A 15 11.26 -15.82 -4.57
CA ASN A 15 11.99 -16.34 -5.77
C ASN A 15 10.97 -16.83 -6.81
N ASP A 16 9.92 -17.48 -6.38
CA ASP A 16 8.88 -17.98 -7.32
C ASP A 16 8.23 -16.82 -8.10
N ASP A 17 7.54 -15.98 -7.39
CA ASP A 17 6.84 -14.78 -7.98
C ASP A 17 5.98 -14.17 -6.85
N ASP A 18 5.36 -15.04 -6.10
CA ASP A 18 4.52 -14.63 -4.92
C ASP A 18 4.67 -15.71 -3.83
N THR A 19 4.75 -16.98 -4.22
CA THR A 19 4.91 -18.10 -3.23
C THR A 19 6.04 -17.75 -2.24
N PHE A 20 7.27 -17.91 -2.65
CA PHE A 20 8.43 -17.57 -1.77
C PHE A 20 8.56 -18.55 -0.60
N THR A 21 9.58 -18.37 0.18
CA THR A 21 9.79 -19.20 1.39
C THR A 21 9.81 -18.23 2.57
N VAL A 22 8.76 -18.26 3.32
CA VAL A 22 8.59 -17.32 4.45
C VAL A 22 9.15 -17.88 5.76
N LYS A 23 9.98 -17.09 6.41
CA LYS A 23 10.57 -17.45 7.74
C LYS A 23 9.90 -16.50 8.74
N VAL A 24 8.65 -16.74 9.02
CA VAL A 24 7.93 -15.81 9.93
C VAL A 24 6.96 -16.57 10.84
N GLY A 25 6.14 -15.84 11.55
CA GLY A 25 5.16 -16.51 12.48
C GLY A 25 5.94 -17.29 13.50
N ASP A 26 6.03 -18.57 13.31
CA ASP A 26 6.81 -19.41 14.25
C ASP A 26 7.60 -20.46 13.46
N LYS A 27 7.70 -20.30 12.15
CA LYS A 27 8.44 -21.30 11.32
C LYS A 27 8.93 -20.66 10.00
N GLU A 28 9.54 -21.47 9.17
CA GLU A 28 10.04 -20.99 7.85
C GLU A 28 9.76 -22.06 6.79
N LEU A 29 9.14 -21.71 5.69
CA LEU A 29 8.85 -22.75 4.64
C LEU A 29 8.23 -22.13 3.37
N PHE A 30 8.14 -22.90 2.32
CA PHE A 30 7.56 -22.41 1.03
C PHE A 30 6.06 -22.18 1.22
N THR A 31 5.50 -21.30 0.45
CA THR A 31 4.03 -20.99 0.64
C THR A 31 3.37 -20.63 -0.70
N ASN A 32 2.34 -21.36 -1.08
CA ASN A 32 1.66 -21.06 -2.38
C ASN A 32 0.13 -21.18 -2.24
N ARG A 33 -0.60 -20.25 -2.83
CA ARG A 33 -2.10 -20.27 -2.78
C ARG A 33 -2.65 -19.37 -3.90
N TRP A 34 -2.24 -18.11 -3.94
CA TRP A 34 -2.73 -17.18 -5.00
C TRP A 34 -2.15 -15.74 -4.82
N ASN A 35 -1.81 -15.36 -3.62
CA ASN A 35 -1.23 -13.99 -3.37
C ASN A 35 -0.93 -13.81 -1.87
N LEU A 36 0.04 -14.53 -1.37
CA LEU A 36 0.39 -14.43 0.09
C LEU A 36 1.23 -13.15 0.33
N GLN A 37 1.83 -12.61 -0.71
CA GLN A 37 2.65 -11.36 -0.55
C GLN A 37 1.81 -10.29 0.17
N SER A 38 0.62 -10.06 -0.32
CA SER A 38 -0.29 -9.03 0.30
C SER A 38 -0.44 -9.31 1.80
N LEU A 39 -0.53 -10.57 2.19
CA LEU A 39 -0.68 -10.93 3.63
C LEU A 39 0.63 -10.64 4.38
N LEU A 40 1.75 -11.04 3.83
CA LEU A 40 3.06 -10.77 4.51
C LEU A 40 3.28 -9.26 4.61
N LEU A 41 2.92 -8.54 3.56
CA LEU A 41 3.08 -7.05 3.55
C LEU A 41 2.09 -6.40 4.52
N SER A 42 0.81 -6.48 4.23
CA SER A 42 -0.23 -5.88 5.13
C SER A 42 0.06 -6.23 6.59
N ALA A 43 0.53 -7.42 6.84
CA ALA A 43 0.86 -7.84 8.23
C ALA A 43 1.93 -6.92 8.82
N GLN A 44 3.13 -6.99 8.32
CA GLN A 44 4.24 -6.12 8.85
C GLN A 44 3.87 -4.64 8.72
N ILE A 45 3.18 -4.29 7.67
CA ILE A 45 2.76 -2.87 7.48
C ILE A 45 1.86 -2.44 8.64
N THR A 46 0.81 -3.18 8.86
CA THR A 46 -0.14 -2.86 9.98
C THR A 46 0.46 -3.34 11.30
N GLY A 47 1.11 -4.46 11.29
CA GLY A 47 1.74 -5.01 12.53
C GLY A 47 2.86 -5.97 12.13
N MET A 48 2.55 -7.25 12.08
CA MET A 48 3.53 -8.31 11.67
C MET A 48 3.34 -9.58 12.52
N THR A 49 2.18 -10.19 12.45
CA THR A 49 1.96 -11.45 13.23
C THR A 49 0.56 -12.00 12.94
N VAL A 50 0.35 -12.44 11.72
CA VAL A 50 -0.97 -13.00 11.31
C VAL A 50 -1.09 -14.44 11.85
N THR A 51 -1.83 -15.28 11.18
CA THR A 51 -1.95 -16.69 11.64
C THR A 51 -1.70 -17.62 10.46
N ILE A 52 -0.64 -18.40 10.51
CA ILE A 52 -0.32 -19.35 9.37
C ILE A 52 -0.81 -20.76 9.73
N LYS A 53 -1.56 -21.40 8.85
CA LYS A 53 -2.09 -22.76 9.18
C LYS A 53 -2.54 -23.55 7.95
N THR A 54 -2.97 -24.78 8.20
CA THR A 54 -3.49 -25.69 7.12
C THR A 54 -2.39 -26.12 6.13
N ASN A 55 -2.67 -27.17 5.39
CA ASN A 55 -1.70 -27.70 4.39
C ASN A 55 -0.36 -28.06 5.07
N ALA A 56 -0.40 -28.87 6.10
CA ALA A 56 0.86 -29.29 6.81
C ALA A 56 1.41 -28.15 7.67
N CYS A 57 1.66 -27.01 7.09
CA CYS A 57 2.23 -25.85 7.87
C CYS A 57 3.69 -26.16 8.25
N HIS A 58 4.36 -26.99 7.50
CA HIS A 58 5.79 -27.34 7.79
C HIS A 58 6.46 -27.80 6.48
N ASN A 59 7.46 -27.07 6.02
CA ASN A 59 8.14 -27.45 4.73
C ASN A 59 7.09 -27.47 3.60
N GLY A 60 6.77 -26.32 3.06
CA GLY A 60 5.71 -26.25 2.00
C GLY A 60 4.36 -26.43 2.69
N GLY A 61 3.97 -25.46 3.50
CA GLY A 61 2.68 -25.58 4.24
C GLY A 61 1.89 -24.26 4.20
N GLY A 62 0.79 -24.20 4.92
CA GLY A 62 -0.04 -22.94 4.93
C GLY A 62 -0.62 -22.71 3.54
N PHE A 63 -1.80 -23.21 3.27
CA PHE A 63 -2.39 -23.04 1.91
C PHE A 63 -3.38 -21.86 1.88
N SER A 64 -4.62 -22.05 2.28
CA SER A 64 -5.61 -20.94 2.20
C SER A 64 -6.24 -20.60 3.56
N GLU A 65 -5.49 -20.61 4.63
CA GLU A 65 -6.10 -20.24 5.94
C GLU A 65 -5.09 -19.38 6.71
N VAL A 66 -5.31 -18.08 6.74
CA VAL A 66 -4.37 -17.17 7.47
C VAL A 66 -5.14 -16.02 8.09
N ILE A 67 -4.85 -15.69 9.34
CA ILE A 67 -5.58 -14.56 10.00
C ILE A 67 -4.70 -13.31 10.05
N PHE A 68 -5.16 -12.24 9.46
CA PHE A 68 -4.34 -10.97 9.44
C PHE A 68 -4.20 -10.34 10.81
N ARG A 69 -3.02 -9.72 11.01
CA ARG A 69 -2.66 -8.99 12.27
C ARG A 69 -1.11 -9.00 12.44
N THR A 1 -29.88 5.10 10.52
CA THR A 1 -29.73 4.20 9.32
C THR A 1 -29.49 2.75 9.76
N PRO A 2 -29.59 1.84 8.82
CA PRO A 2 -29.37 0.41 9.09
C PRO A 2 -27.86 0.10 9.21
N ASP A 3 -27.18 0.76 10.11
CA ASP A 3 -25.71 0.52 10.27
C ASP A 3 -25.49 -0.64 11.28
N CYS A 4 -24.42 -0.61 12.05
CA CYS A 4 -24.18 -1.74 13.02
C CYS A 4 -23.02 -1.45 13.98
N VAL A 5 -21.79 -1.77 13.61
CA VAL A 5 -20.64 -1.58 14.56
C VAL A 5 -19.42 -0.93 13.86
N THR A 6 -18.27 -1.04 14.48
CA THR A 6 -17.02 -0.48 13.91
C THR A 6 -16.24 -1.57 13.19
N GLY A 7 -15.07 -1.25 12.66
CA GLY A 7 -14.29 -2.30 11.93
C GLY A 7 -12.77 -2.17 12.16
N LYS A 8 -12.32 -2.43 13.36
CA LYS A 8 -10.85 -2.42 13.64
C LYS A 8 -10.29 -3.69 12.96
N VAL A 9 -9.29 -4.33 13.51
CA VAL A 9 -8.77 -5.58 12.85
C VAL A 9 -8.01 -6.47 13.83
N GLU A 10 -8.63 -7.05 14.80
CA GLU A 10 -7.84 -7.91 15.72
C GLU A 10 -8.04 -9.38 15.36
N TYR A 11 -7.72 -9.75 14.13
CA TYR A 11 -7.85 -11.20 13.66
C TYR A 11 -8.72 -11.29 12.38
N THR A 12 -8.12 -11.48 11.22
CA THR A 12 -8.92 -11.61 9.95
C THR A 12 -8.65 -12.98 9.33
N LYS A 13 -9.45 -13.96 9.64
CA LYS A 13 -9.26 -15.34 9.09
C LYS A 13 -9.58 -15.40 7.59
N TYR A 14 -8.58 -15.25 6.74
CA TYR A 14 -8.82 -15.34 5.27
C TYR A 14 -8.79 -16.80 4.82
N ASN A 15 -9.56 -17.10 3.80
CA ASN A 15 -9.60 -18.47 3.24
C ASN A 15 -10.31 -18.45 1.87
N ASP A 16 -11.36 -17.68 1.74
CA ASP A 16 -12.12 -17.59 0.46
C ASP A 16 -11.21 -17.05 -0.65
N ASP A 17 -10.79 -15.82 -0.51
CA ASP A 17 -9.90 -15.13 -1.50
C ASP A 17 -9.81 -13.66 -1.08
N ASP A 18 -10.95 -13.13 -0.67
CA ASP A 18 -11.04 -11.73 -0.17
C ASP A 18 -12.11 -11.68 0.94
N THR A 19 -13.19 -12.44 0.79
CA THR A 19 -14.27 -12.48 1.82
C THR A 19 -13.64 -12.67 3.22
N PHE A 20 -13.25 -13.90 3.55
CA PHE A 20 -12.60 -14.17 4.86
C PHE A 20 -13.60 -14.04 6.02
N THR A 21 -13.13 -14.34 7.20
CA THR A 21 -13.95 -14.19 8.43
C THR A 21 -13.21 -13.20 9.32
N VAL A 22 -13.72 -12.03 9.39
CA VAL A 22 -13.08 -10.92 10.15
C VAL A 22 -13.52 -10.88 11.62
N LYS A 23 -12.56 -10.87 12.51
CA LYS A 23 -12.83 -10.75 13.98
C LYS A 23 -12.36 -9.35 14.37
N VAL A 24 -13.09 -8.36 13.98
CA VAL A 24 -12.64 -6.97 14.26
C VAL A 24 -13.82 -6.06 14.60
N GLY A 25 -13.56 -4.78 14.68
CA GLY A 25 -14.67 -3.82 15.02
C GLY A 25 -15.21 -4.18 16.38
N ASP A 26 -16.33 -4.84 16.40
CA ASP A 26 -16.92 -5.27 17.69
C ASP A 26 -17.45 -6.70 17.56
N LYS A 27 -17.12 -7.38 16.49
CA LYS A 27 -17.64 -8.78 16.29
C LYS A 27 -16.70 -9.59 15.37
N GLU A 28 -17.08 -10.81 15.09
CA GLU A 28 -16.29 -11.68 14.19
C GLU A 28 -17.23 -12.46 13.27
N LEU A 29 -17.03 -12.42 11.98
CA LEU A 29 -17.95 -13.17 11.06
C LEU A 29 -17.47 -13.11 9.59
N PHE A 30 -18.08 -13.91 8.74
CA PHE A 30 -17.70 -13.95 7.29
C PHE A 30 -18.11 -12.63 6.64
N THR A 31 -17.43 -12.25 5.59
CA THR A 31 -17.73 -10.93 4.94
C THR A 31 -17.51 -11.00 3.42
N ASN A 32 -18.51 -10.70 2.63
CA ASN A 32 -18.34 -10.74 1.14
C ASN A 32 -19.06 -9.56 0.47
N ARG A 33 -18.41 -8.95 -0.50
CA ARG A 33 -19.02 -7.81 -1.25
C ARG A 33 -18.28 -7.63 -2.58
N TRP A 34 -16.97 -7.46 -2.54
CA TRP A 34 -16.18 -7.28 -3.80
C TRP A 34 -14.67 -7.06 -3.50
N ASN A 35 -14.33 -6.55 -2.34
CA ASN A 35 -12.89 -6.32 -1.98
C ASN A 35 -12.81 -5.68 -0.58
N LEU A 36 -13.14 -6.43 0.44
CA LEU A 36 -13.07 -5.89 1.83
C LEU A 36 -11.62 -5.89 2.34
N GLN A 37 -10.75 -6.68 1.73
CA GLN A 37 -9.32 -6.72 2.15
C GLN A 37 -8.75 -5.30 2.20
N SER A 38 -8.94 -4.56 1.13
CA SER A 38 -8.44 -3.14 1.07
C SER A 38 -8.95 -2.34 2.27
N LEU A 39 -10.18 -2.58 2.69
CA LEU A 39 -10.74 -1.83 3.87
C LEU A 39 -10.07 -2.33 5.15
N LEU A 40 -9.93 -3.62 5.32
CA LEU A 40 -9.26 -4.16 6.55
C LEU A 40 -7.80 -3.68 6.58
N LEU A 41 -7.15 -3.67 5.44
CA LEU A 41 -5.74 -3.21 5.35
C LEU A 41 -5.65 -1.70 5.57
N SER A 42 -6.19 -0.92 4.66
CA SER A 42 -6.15 0.57 4.79
C SER A 42 -6.54 0.98 6.22
N ALA A 43 -7.47 0.28 6.82
CA ALA A 43 -7.91 0.62 8.21
C ALA A 43 -6.71 0.48 9.17
N GLN A 44 -6.24 -0.72 9.39
CA GLN A 44 -5.09 -0.94 10.32
C GLN A 44 -3.87 -0.14 9.85
N ILE A 45 -3.69 -0.03 8.56
CA ILE A 45 -2.51 0.74 8.03
C ILE A 45 -2.62 2.20 8.49
N THR A 46 -3.75 2.82 8.20
CA THR A 46 -3.97 4.25 8.59
C THR A 46 -4.34 4.31 10.08
N GLY A 47 -5.10 3.35 10.54
CA GLY A 47 -5.51 3.32 11.98
C GLY A 47 -5.90 1.89 12.33
N MET A 48 -7.18 1.59 12.27
CA MET A 48 -7.72 0.21 12.57
C MET A 48 -9.06 0.31 13.32
N THR A 49 -10.06 0.91 12.72
CA THR A 49 -11.39 1.00 13.40
C THR A 49 -12.40 1.69 12.48
N VAL A 50 -12.73 1.03 11.39
CA VAL A 50 -13.71 1.59 10.41
C VAL A 50 -15.13 1.40 10.96
N THR A 51 -16.11 1.27 10.10
CA THR A 51 -17.50 1.06 10.56
C THR A 51 -18.11 -0.13 9.80
N ILE A 52 -18.40 -1.21 10.49
CA ILE A 52 -19.00 -2.41 9.81
C ILE A 52 -20.52 -2.40 10.01
N LYS A 53 -21.29 -2.55 8.94
CA LYS A 53 -22.78 -2.51 9.09
C LYS A 53 -23.52 -3.13 7.90
N THR A 54 -24.84 -3.16 8.01
CA THR A 54 -25.74 -3.69 6.93
C THR A 54 -25.59 -5.21 6.73
N ASN A 55 -26.56 -5.81 6.08
CA ASN A 55 -26.54 -7.28 5.81
C ASN A 55 -26.43 -8.06 7.13
N ALA A 56 -27.32 -7.81 8.07
CA ALA A 56 -27.30 -8.56 9.38
C ALA A 56 -26.16 -8.07 10.28
N CYS A 57 -24.94 -8.13 9.79
CA CYS A 57 -23.76 -7.70 10.61
C CYS A 57 -23.51 -8.72 11.74
N HIS A 58 -23.93 -9.94 11.55
CA HIS A 58 -23.73 -11.01 12.59
C HIS A 58 -23.73 -12.38 11.89
N ASN A 59 -22.62 -13.09 11.95
CA ASN A 59 -22.53 -14.42 11.27
C ASN A 59 -22.82 -14.23 9.77
N GLY A 60 -21.83 -13.82 9.01
CA GLY A 60 -22.04 -13.55 7.56
C GLY A 60 -22.81 -12.24 7.45
N GLY A 61 -22.19 -11.14 7.81
CA GLY A 61 -22.88 -9.81 7.77
C GLY A 61 -21.99 -8.73 7.18
N GLY A 62 -22.45 -7.50 7.19
CA GLY A 62 -21.63 -6.37 6.62
C GLY A 62 -21.47 -6.58 5.11
N PHE A 63 -22.35 -6.01 4.32
CA PHE A 63 -22.25 -6.22 2.84
C PHE A 63 -21.56 -5.03 2.15
N SER A 64 -22.26 -3.95 1.88
CA SER A 64 -21.61 -2.81 1.16
C SER A 64 -21.72 -1.48 1.93
N GLU A 65 -21.58 -1.49 3.24
CA GLU A 65 -21.63 -0.20 3.98
C GLU A 65 -20.55 -0.21 5.06
N VAL A 66 -19.47 0.48 4.83
CA VAL A 66 -18.36 0.50 5.82
C VAL A 66 -17.67 1.88 5.82
N ILE A 67 -17.42 2.43 6.98
CA ILE A 67 -16.74 3.77 7.02
C ILE A 67 -15.27 3.62 7.40
N PHE A 68 -14.39 4.09 6.55
CA PHE A 68 -12.92 3.95 6.81
C PHE A 68 -12.45 4.81 7.99
N ARG A 69 -11.47 4.28 8.70
CA ARG A 69 -10.82 4.94 9.89
C ARG A 69 -10.26 3.85 10.85
#